data_6PW7
#
_entry.id   6PW7
#
_cell.length_a   111.543
_cell.length_b   111.580
_cell.length_c   70.704
_cell.angle_alpha   90.00
_cell.angle_beta   90.00
_cell.angle_gamma   90.00
#
_symmetry.space_group_name_H-M   'C 2 2 2'
#
loop_
_entity.id
_entity.type
_entity.pdbx_description
1 polymer 'Stromal interaction molecule 1'
2 non-polymer 'CALCIUM ION'
3 water water
#
_entity_poly.entity_id   1
_entity_poly.type   'polypeptide(L)'
_entity_poly.pdbx_seq_one_letter_code
;VTRNVEVTAEEEKIRDKLGYEAIRDIHRD(MSE)DDDHSGSIDRNESTGF(MSE)KED(MSE)Q(MSE)RGSERTRRENK
FHGDDDAITVDDLWEAWFESIERTWTNERLVEWLINDVNLPSIVEAVKAKKIDGKILPRFASPNSDFLNKELGIKSSVYR
QKLRLNSLDVVLFGYKD
;
_entity_poly.pdbx_strand_id   A,B
#
# COMPACT_ATOMS: atom_id res chain seq x y z
N VAL A 1 31.38 -13.07 -12.31
CA VAL A 1 29.96 -13.12 -12.58
C VAL A 1 29.20 -12.56 -11.39
N THR A 2 29.84 -12.52 -10.24
CA THR A 2 29.18 -11.92 -9.11
C THR A 2 30.08 -10.94 -8.37
N ARG A 3 29.51 -9.83 -7.91
CA ARG A 3 30.24 -8.87 -7.10
C ARG A 3 29.45 -8.49 -5.87
N ASN A 4 30.20 -8.13 -4.85
CA ASN A 4 29.67 -7.79 -3.56
C ASN A 4 29.47 -6.29 -3.42
N VAL A 5 28.24 -5.83 -3.25
CA VAL A 5 27.96 -4.39 -3.19
C VAL A 5 27.00 -4.00 -2.07
N GLU A 6 27.11 -2.77 -1.62
CA GLU A 6 26.20 -2.23 -0.61
C GLU A 6 24.87 -1.82 -1.23
N VAL A 7 23.78 -2.46 -0.79
CA VAL A 7 22.49 -2.10 -1.34
C VAL A 7 21.54 -1.61 -0.25
N THR A 8 20.53 -0.84 -0.66
CA THR A 8 19.52 -0.38 0.29
C THR A 8 18.33 -1.33 0.29
N ALA A 9 17.50 -1.21 1.30
CA ALA A 9 16.29 -2.01 1.38
C ALA A 9 15.41 -1.79 0.15
N GLU A 10 15.38 -0.55 -0.34
CA GLU A 10 14.58 -0.23 -1.50
C GLU A 10 15.13 -0.88 -2.76
N GLU A 11 16.44 -0.81 -2.92
CA GLU A 11 17.09 -1.46 -4.05
C GLU A 11 16.85 -2.97 -3.99
N GLU A 12 16.83 -3.51 -2.79
CA GLU A 12 16.73 -4.96 -2.65
C GLU A 12 15.30 -5.45 -2.88
N LYS A 13 14.32 -4.56 -2.69
CA LYS A 13 12.94 -4.83 -3.11
C LYS A 13 12.87 -5.20 -4.57
N ILE A 14 13.72 -4.57 -5.38
CA ILE A 14 13.72 -4.80 -6.81
C ILE A 14 14.56 -6.02 -7.16
N ARG A 15 15.76 -6.11 -6.59
CA ARG A 15 16.66 -7.21 -6.89
C ARG A 15 16.07 -8.53 -6.39
N ASP A 16 15.65 -8.57 -5.14
CA ASP A 16 15.02 -9.74 -4.55
C ASP A 16 13.51 -9.60 -4.67
N LYS A 17 13.02 -9.49 -5.91
CA LYS A 17 11.61 -9.25 -6.15
C LYS A 17 10.72 -10.36 -5.56
N LEU A 18 11.13 -11.60 -5.74
CA LEU A 18 10.29 -12.70 -5.29
C LEU A 18 10.29 -12.79 -3.77
N GLY A 19 11.40 -12.42 -3.15
CA GLY A 19 11.45 -12.38 -1.70
C GLY A 19 10.58 -11.25 -1.14
N TYR A 20 10.71 -10.06 -1.72
CA TYR A 20 9.84 -8.96 -1.35
C TYR A 20 8.37 -9.30 -1.53
N GLU A 21 8.03 -9.88 -2.68
CA GLU A 21 6.64 -10.19 -2.92
C GLU A 21 6.14 -11.23 -1.92
N ALA A 22 7.05 -12.11 -1.48
CA ALA A 22 6.68 -13.10 -0.47
C ALA A 22 6.37 -12.39 0.86
N ILE A 23 7.24 -11.46 1.26
CA ILE A 23 7.01 -10.66 2.45
C ILE A 23 5.69 -9.89 2.36
N ARG A 24 5.39 -9.37 1.17
CA ARG A 24 4.14 -8.65 0.97
C ARG A 24 2.94 -9.59 1.08
N ASP A 25 3.03 -10.80 0.51
CA ASP A 25 1.95 -11.80 0.64
C ASP A 25 1.72 -12.22 2.10
N ILE A 26 2.79 -12.46 2.83
CA ILE A 26 2.70 -12.76 4.26
C ILE A 26 1.96 -11.63 5.00
N HIS A 27 2.35 -10.39 4.73
CA HIS A 27 1.77 -9.23 5.40
C HIS A 27 0.27 -9.17 5.14
N ARG A 28 -0.12 -9.32 3.88
CA ARG A 28 -1.54 -9.28 3.51
C ARG A 28 -2.28 -10.39 4.25
N ASP A 29 -1.65 -11.55 4.39
CA ASP A 29 -2.25 -12.67 5.10
C ASP A 29 -2.47 -12.34 6.58
N ASP A 31 -2.66 -9.09 7.83
CA ASP A 31 -3.41 -7.84 7.90
C ASP A 31 -4.91 -8.05 7.71
N ASP A 32 -5.55 -8.56 8.75
CA ASP A 32 -6.93 -9.03 8.65
C ASP A 32 -7.96 -7.97 8.25
N ASP A 33 -7.76 -6.72 8.67
CA ASP A 33 -8.73 -5.68 8.30
C ASP A 33 -8.29 -4.90 7.06
N HIS A 34 -7.21 -5.36 6.41
CA HIS A 34 -6.68 -4.73 5.20
C HIS A 34 -6.34 -3.25 5.37
N SER A 35 -5.90 -2.87 6.55
CA SER A 35 -5.56 -1.48 6.81
C SER A 35 -4.18 -1.08 6.25
N GLY A 36 -3.43 -2.07 5.78
CA GLY A 36 -2.06 -1.83 5.36
C GLY A 36 -1.02 -1.83 6.47
N SER A 37 -1.47 -2.06 7.70
CA SER A 37 -0.57 -2.22 8.84
C SER A 37 -1.05 -3.36 9.73
N ILE A 38 -0.11 -4.04 10.37
CA ILE A 38 -0.42 -5.15 11.26
C ILE A 38 -0.37 -4.67 12.69
N ASP A 39 -1.49 -4.77 13.40
CA ASP A 39 -1.54 -4.31 14.79
C ASP A 39 -1.33 -5.49 15.76
N ARG A 40 -1.17 -5.19 17.04
CA ARG A 40 -0.88 -6.23 18.03
C ARG A 40 -1.99 -7.28 18.15
N ASN A 41 -3.21 -6.87 17.84
CA ASN A 41 -4.32 -7.82 17.87
C ASN A 41 -4.22 -8.77 16.67
N GLU A 42 -3.79 -8.24 15.52
CA GLU A 42 -3.68 -9.04 14.31
C GLU A 42 -2.50 -10.00 14.35
N SER A 43 -1.39 -9.55 14.94
CA SER A 43 -0.18 -10.36 14.90
C SER A 43 -0.32 -11.54 15.89
N THR A 44 -0.79 -11.27 17.10
CA THR A 44 -1.05 -12.36 18.04
C THR A 44 -2.17 -13.28 17.52
N GLY A 45 -3.18 -12.69 16.91
CA GLY A 45 -4.28 -13.46 16.34
C GLY A 45 -3.74 -14.45 15.31
N PHE A 46 -2.80 -13.98 14.49
CA PHE A 46 -2.21 -14.80 13.44
C PHE A 46 -1.40 -15.93 14.05
N LYS A 48 -1.89 -17.24 16.94
CA LYS A 48 -2.80 -18.14 17.64
C LYS A 48 -3.51 -19.06 16.67
N GLU A 49 -4.12 -18.48 15.63
CA GLU A 49 -4.90 -19.26 14.69
C GLU A 49 -4.06 -19.91 13.59
N ASP A 50 -3.39 -19.11 12.76
CA ASP A 50 -2.65 -19.65 11.62
C ASP A 50 -1.38 -20.42 11.98
N GLN A 52 -0.96 -21.74 15.11
CA GLN A 52 -1.39 -22.66 16.16
C GLN A 52 -0.48 -22.58 17.37
N ARG A 54 0.53 -21.60 21.24
CA ARG A 54 -0.02 -21.49 22.59
C ARG A 54 0.30 -20.15 23.21
N GLY A 55 -0.57 -19.68 24.10
CA GLY A 55 -0.46 -18.39 24.73
C GLY A 55 0.93 -18.03 25.23
N SER A 56 1.58 -18.98 25.86
CA SER A 56 2.90 -18.72 26.44
C SER A 56 3.98 -18.48 25.38
N GLU A 57 3.74 -18.93 24.15
CA GLU A 57 4.71 -18.76 23.07
C GLU A 57 4.59 -17.40 22.36
N ARG A 58 3.49 -16.70 22.60
CA ARG A 58 3.15 -15.56 21.77
C ARG A 58 3.74 -14.24 22.21
N THR A 59 3.94 -14.07 23.49
CA THR A 59 4.22 -12.73 23.98
C THR A 59 5.64 -12.31 23.63
N ARG A 60 6.59 -13.24 23.75
CA ARG A 60 7.97 -12.98 23.33
C ARG A 60 8.02 -12.58 21.85
N ARG A 61 7.25 -13.27 21.03
CA ARG A 61 7.23 -13.01 19.60
C ARG A 61 6.52 -11.69 19.26
N GLU A 62 5.44 -11.39 19.98
CA GLU A 62 4.76 -10.10 19.80
C GLU A 62 5.77 -8.96 20.00
N ASN A 63 6.56 -9.07 21.05
CA ASN A 63 7.55 -8.03 21.36
C ASN A 63 8.65 -7.93 20.28
N LYS A 64 9.13 -9.07 19.80
CA LYS A 64 10.10 -9.06 18.71
C LYS A 64 9.51 -8.44 17.42
N PHE A 65 8.28 -8.81 17.11
CA PHE A 65 7.65 -8.33 15.87
C PHE A 65 7.34 -6.84 15.93
N HIS A 66 6.87 -6.39 17.07
CA HIS A 66 6.44 -5.00 17.20
C HIS A 66 7.46 -4.06 17.76
N GLY A 67 8.17 -4.44 18.81
CA GLY A 67 8.99 -3.47 19.53
C GLY A 67 8.09 -2.40 20.13
N ASP A 68 8.42 -1.13 19.86
CA ASP A 68 7.56 -0.01 20.24
C ASP A 68 6.64 0.42 19.10
N ASP A 69 6.66 -0.32 18.00
CA ASP A 69 5.86 0.02 16.84
C ASP A 69 4.53 -0.76 16.82
N ASP A 70 3.43 -0.05 17.05
CA ASP A 70 2.15 -0.73 17.20
C ASP A 70 1.46 -1.04 15.88
N ALA A 71 2.08 -0.63 14.79
CA ALA A 71 1.46 -0.80 13.48
C ALA A 71 2.51 -1.07 12.41
N ILE A 72 2.69 -2.35 12.05
CA ILE A 72 3.74 -2.78 11.14
C ILE A 72 3.30 -2.77 9.69
N THR A 73 3.87 -1.88 8.90
CA THR A 73 3.57 -1.83 7.47
C THR A 73 4.41 -2.86 6.72
N VAL A 74 4.05 -3.12 5.47
CA VAL A 74 4.87 -3.91 4.56
C VAL A 74 6.31 -3.42 4.52
N ASP A 75 6.48 -2.11 4.33
CA ASP A 75 7.82 -1.53 4.34
C ASP A 75 8.55 -1.83 5.64
N ASP A 76 7.83 -1.75 6.77
CA ASP A 76 8.43 -2.04 8.08
C ASP A 76 8.90 -3.49 8.13
N LEU A 77 8.04 -4.38 7.67
CA LEU A 77 8.33 -5.80 7.69
C LEU A 77 9.50 -6.13 6.77
N TRP A 78 9.49 -5.56 5.56
CA TRP A 78 10.62 -5.74 4.65
C TRP A 78 11.94 -5.23 5.25
N GLU A 79 11.90 -4.06 5.89
CA GLU A 79 13.09 -3.48 6.49
C GLU A 79 13.64 -4.36 7.59
N ALA A 80 12.76 -4.89 8.44
CA ALA A 80 13.21 -5.76 9.53
C ALA A 80 13.81 -7.05 8.95
N TRP A 81 13.16 -7.61 7.93
CA TRP A 81 13.69 -8.82 7.32
C TRP A 81 15.02 -8.53 6.58
N PHE A 82 15.04 -7.48 5.78
CA PHE A 82 16.26 -7.03 5.11
C PHE A 82 17.43 -6.87 6.07
N GLU A 83 17.17 -6.37 7.27
CA GLU A 83 18.24 -6.16 8.25
C GLU A 83 18.58 -7.40 9.09
N SER A 84 17.79 -8.46 8.98
CA SER A 84 17.90 -9.60 9.91
C SER A 84 19.17 -10.42 9.75
N ILE A 85 19.64 -11.04 10.83
CA ILE A 85 20.77 -11.93 10.70
C ILE A 85 20.38 -13.14 9.86
N GLU A 86 19.13 -13.58 9.96
CA GLU A 86 18.73 -14.81 9.28
C GLU A 86 18.77 -14.65 7.77
N ARG A 87 18.59 -13.44 7.26
CA ARG A 87 18.66 -13.26 5.81
C ARG A 87 20.07 -13.55 5.31
N THR A 88 21.05 -13.46 6.22
CA THR A 88 22.46 -13.67 5.84
C THR A 88 22.88 -15.15 5.91
N TRP A 89 21.99 -16.02 6.38
CA TRP A 89 22.32 -17.44 6.52
C TRP A 89 22.88 -18.00 5.22
N THR A 90 23.96 -18.74 5.32
CA THR A 90 24.50 -19.47 4.19
C THR A 90 23.67 -20.70 3.89
N ASN A 91 23.91 -21.28 2.72
CA ASN A 91 23.31 -22.57 2.35
C ASN A 91 23.59 -23.59 3.44
N GLU A 92 24.83 -23.61 3.94
CA GLU A 92 25.21 -24.48 5.04
C GLU A 92 24.36 -24.29 6.30
N ARG A 93 24.17 -23.02 6.69
CA ARG A 93 23.41 -22.70 7.89
C ARG A 93 21.96 -23.10 7.71
N LEU A 94 21.44 -22.87 6.50
CA LEU A 94 20.05 -23.19 6.19
C LEU A 94 19.79 -24.70 6.28
N VAL A 95 20.70 -25.49 5.70
CA VAL A 95 20.64 -26.94 5.81
C VAL A 95 20.71 -27.39 7.27
N GLU A 96 21.59 -26.76 8.06
CA GLU A 96 21.70 -27.07 9.48
C GLU A 96 20.33 -26.88 10.15
N TRP A 97 19.64 -25.81 9.78
CA TRP A 97 18.32 -25.52 10.35
C TRP A 97 17.29 -26.55 9.92
N LEU A 98 17.25 -26.88 8.63
CA LEU A 98 16.33 -27.90 8.12
C LEU A 98 16.49 -29.23 8.85
N ILE A 99 17.72 -29.56 9.20
CA ILE A 99 17.97 -30.84 9.88
C ILE A 99 17.67 -30.76 11.36
N ASN A 100 18.21 -29.74 12.03
CA ASN A 100 18.14 -29.68 13.48
C ASN A 100 16.83 -29.12 14.02
N ASP A 101 16.15 -28.26 13.26
CA ASP A 101 14.96 -27.61 13.79
C ASP A 101 13.70 -28.03 13.06
N VAL A 102 13.77 -28.05 11.75
CA VAL A 102 12.59 -28.39 10.98
C VAL A 102 12.44 -29.90 10.84
N ASN A 103 13.56 -30.61 10.92
CA ASN A 103 13.57 -32.07 10.76
C ASN A 103 13.03 -32.47 9.38
N LEU A 104 13.63 -31.92 8.33
CA LEU A 104 13.23 -32.30 6.97
C LEU A 104 14.44 -32.72 6.12
N PRO A 105 15.10 -33.82 6.53
CA PRO A 105 16.30 -34.24 5.79
C PRO A 105 16.02 -34.54 4.32
N SER A 106 14.78 -34.87 3.98
CA SER A 106 14.47 -35.28 2.61
C SER A 106 14.60 -34.17 1.57
N ILE A 107 14.57 -32.90 2.00
CA ILE A 107 14.67 -31.82 1.03
C ILE A 107 16.08 -31.25 0.94
N VAL A 108 16.99 -31.79 1.74
CA VAL A 108 18.32 -31.21 1.83
C VAL A 108 19.12 -31.24 0.53
N GLU A 109 19.02 -32.33 -0.22
CA GLU A 109 19.84 -32.44 -1.42
C GLU A 109 19.35 -31.45 -2.49
N ALA A 110 18.05 -31.20 -2.53
CA ALA A 110 17.48 -30.19 -3.42
C ALA A 110 17.96 -28.79 -3.03
N VAL A 111 17.86 -28.47 -1.74
CA VAL A 111 18.30 -27.17 -1.24
C VAL A 111 19.78 -26.90 -1.57
N LYS A 112 20.63 -27.89 -1.30
CA LYS A 112 22.06 -27.79 -1.60
C LYS A 112 22.33 -27.61 -3.09
N ALA A 113 21.59 -28.31 -3.94
CA ALA A 113 21.84 -28.25 -5.37
C ALA A 113 21.44 -26.88 -5.91
N LYS A 114 20.31 -26.37 -5.42
CA LYS A 114 19.80 -25.07 -5.86
C LYS A 114 20.58 -23.91 -5.25
N LYS A 115 21.49 -24.21 -4.33
CA LYS A 115 22.36 -23.20 -3.72
C LYS A 115 21.60 -22.04 -3.09
N ILE A 116 20.41 -22.31 -2.56
CA ILE A 116 19.65 -21.21 -1.95
C ILE A 116 20.14 -20.96 -0.52
N ASP A 117 19.84 -19.77 -0.01
CA ASP A 117 20.34 -19.35 1.29
C ASP A 117 19.26 -18.62 2.07
N GLY A 118 19.69 -17.83 3.06
CA GLY A 118 18.76 -17.17 3.96
C GLY A 118 17.71 -16.33 3.25
N LYS A 119 18.06 -15.79 2.09
CA LYS A 119 17.15 -14.93 1.34
C LYS A 119 15.90 -15.69 0.89
N ILE A 120 15.96 -17.02 0.89
CA ILE A 120 14.81 -17.78 0.42
C ILE A 120 13.70 -17.93 1.46
N LEU A 121 14.02 -17.65 2.73
CA LEU A 121 13.09 -17.98 3.82
C LEU A 121 11.67 -17.40 3.65
N PRO A 122 11.55 -16.14 3.18
CA PRO A 122 10.17 -15.67 2.99
C PRO A 122 9.41 -16.47 1.92
N ARG A 123 10.12 -16.97 0.92
CA ARG A 123 9.46 -17.75 -0.11
C ARG A 123 9.02 -19.11 0.46
N PHE A 124 9.82 -19.66 1.36
CA PHE A 124 9.43 -20.85 2.14
C PHE A 124 8.18 -20.59 2.95
N ALA A 125 8.08 -19.37 3.47
CA ALA A 125 7.05 -19.05 4.45
C ALA A 125 5.78 -18.49 3.82
N SER A 126 5.78 -18.35 2.50
CA SER A 126 4.67 -17.67 1.83
C SER A 126 3.36 -18.50 1.82
N PRO A 127 2.22 -17.83 2.04
CA PRO A 127 0.91 -18.51 1.99
C PRO A 127 0.56 -19.00 0.58
N ASN A 128 1.29 -18.48 -0.40
CA ASN A 128 1.25 -19.02 -1.76
C ASN A 128 2.22 -20.20 -1.90
N SER A 129 1.64 -21.40 -1.93
CA SER A 129 2.39 -22.65 -1.75
C SER A 129 3.17 -23.14 -2.99
N ASP A 130 3.15 -22.39 -4.08
CA ASP A 130 3.69 -22.89 -5.35
C ASP A 130 5.19 -23.15 -5.34
N PHE A 131 5.95 -22.36 -4.60
CA PHE A 131 7.40 -22.50 -4.62
C PHE A 131 7.88 -23.82 -3.98
N LEU A 132 7.35 -24.16 -2.82
CA LEU A 132 7.75 -25.38 -2.13
C LEU A 132 7.34 -26.59 -2.95
N ASN A 133 6.11 -26.56 -3.45
CA ASN A 133 5.58 -27.65 -4.27
C ASN A 133 6.32 -27.82 -5.58
N LYS A 134 6.26 -26.79 -6.42
CA LYS A 134 6.76 -26.91 -7.79
C LYS A 134 8.27 -26.76 -7.93
N GLU A 135 8.85 -25.76 -7.28
CA GLU A 135 10.29 -25.49 -7.44
C GLU A 135 11.19 -26.43 -6.64
N LEU A 136 10.78 -26.76 -5.42
CA LEU A 136 11.59 -27.63 -4.55
C LEU A 136 11.15 -29.07 -4.65
N GLY A 137 9.93 -29.28 -5.15
CA GLY A 137 9.42 -30.62 -5.31
C GLY A 137 9.00 -31.28 -4.01
N ILE A 138 8.49 -30.49 -3.07
CA ILE A 138 8.01 -31.09 -1.85
C ILE A 138 6.59 -31.57 -2.06
N LYS A 139 6.45 -32.86 -2.34
CA LYS A 139 5.15 -33.47 -2.64
C LYS A 139 4.23 -33.50 -1.44
N SER A 140 4.80 -33.80 -0.28
CA SER A 140 4.02 -33.93 0.95
C SER A 140 3.42 -32.61 1.41
N SER A 141 2.11 -32.60 1.56
CA SER A 141 1.43 -31.45 2.13
C SER A 141 1.88 -31.21 3.55
N VAL A 142 2.13 -32.29 4.28
CA VAL A 142 2.51 -32.19 5.68
C VAL A 142 3.89 -31.57 5.81
N TYR A 143 4.77 -31.95 4.89
CA TYR A 143 6.12 -31.42 4.88
C TYR A 143 6.10 -29.93 4.55
N ARG A 144 5.31 -29.56 3.54
CA ARG A 144 5.19 -28.16 3.15
C ARG A 144 4.65 -27.32 4.30
N GLN A 145 3.59 -27.82 4.94
CA GLN A 145 3.00 -27.15 6.09
C GLN A 145 4.03 -26.89 7.17
N LYS A 146 4.84 -27.89 7.48
CA LYS A 146 5.79 -27.73 8.56
C LYS A 146 6.92 -26.78 8.22
N LEU A 147 7.42 -26.84 6.99
CA LEU A 147 8.47 -25.91 6.57
C LEU A 147 7.94 -24.47 6.55
N ARG A 148 6.72 -24.31 6.04
CA ARG A 148 6.10 -22.98 5.96
C ARG A 148 5.99 -22.33 7.33
N LEU A 149 5.46 -23.07 8.30
CA LEU A 149 5.29 -22.52 9.64
C LEU A 149 6.62 -22.23 10.34
N ASN A 150 7.59 -23.14 10.21
CA ASN A 150 8.91 -22.88 10.81
C ASN A 150 9.57 -21.69 10.14
N SER A 151 9.38 -21.56 8.83
CA SER A 151 9.98 -20.44 8.11
C SER A 151 9.32 -19.09 8.51
N LEU A 152 8.00 -19.10 8.63
CA LEU A 152 7.24 -17.95 9.18
C LEU A 152 7.80 -17.49 10.52
N ASP A 153 8.01 -18.46 11.41
CA ASP A 153 8.50 -18.17 12.74
C ASP A 153 9.83 -17.43 12.65
N VAL A 154 10.73 -17.94 11.82
CA VAL A 154 12.05 -17.32 11.69
C VAL A 154 11.98 -15.96 10.95
N VAL A 155 11.18 -15.88 9.88
CA VAL A 155 11.05 -14.63 9.12
C VAL A 155 10.41 -13.53 9.96
N LEU A 156 9.33 -13.86 10.67
CA LEU A 156 8.60 -12.86 11.45
C LEU A 156 9.25 -12.52 12.78
N PHE A 157 9.82 -13.52 13.46
CA PHE A 157 10.29 -13.34 14.84
C PHE A 157 11.76 -13.68 15.11
N GLY A 158 12.51 -14.03 14.07
CA GLY A 158 13.91 -14.34 14.26
C GLY A 158 14.11 -15.78 14.73
N TYR A 159 15.34 -16.27 14.58
CA TYR A 159 15.65 -17.61 15.05
C TYR A 159 15.99 -17.59 16.54
N LYS A 160 15.46 -18.55 17.26
CA LYS A 160 15.82 -18.74 18.65
C LYS A 160 15.84 -20.24 18.95
N ASP A 161 17.04 -20.79 19.18
CA ASP A 161 17.27 -22.17 19.66
C ASP A 161 18.76 -22.48 19.66
N VAL B 1 -29.98 10.73 13.36
CA VAL B 1 -29.18 11.95 13.17
C VAL B 1 -28.94 12.18 11.68
N THR B 2 -29.11 11.14 10.88
CA THR B 2 -28.89 11.24 9.44
C THR B 2 -29.97 10.62 8.55
N ARG B 3 -30.20 11.23 7.40
CA ARG B 3 -31.17 10.68 6.45
C ARG B 3 -30.67 10.86 5.05
N ASN B 4 -31.11 9.96 4.21
CA ASN B 4 -30.61 9.90 2.87
C ASN B 4 -31.60 10.61 1.94
N VAL B 5 -31.16 11.70 1.33
CA VAL B 5 -32.06 12.47 0.46
C VAL B 5 -31.46 12.80 -0.91
N GLU B 6 -32.37 13.08 -1.83
CA GLU B 6 -32.00 13.39 -3.21
C GLU B 6 -31.66 14.89 -3.34
N VAL B 7 -30.40 15.22 -3.64
CA VAL B 7 -29.98 16.61 -3.72
C VAL B 7 -29.45 16.99 -5.11
N THR B 8 -29.51 18.28 -5.42
CA THR B 8 -29.00 18.83 -6.68
C THR B 8 -27.55 19.27 -6.52
N ALA B 9 -26.88 19.53 -7.64
CA ALA B 9 -25.50 20.01 -7.61
C ALA B 9 -25.42 21.35 -6.90
N GLU B 10 -26.40 22.22 -7.15
CA GLU B 10 -26.40 23.54 -6.52
C GLU B 10 -26.58 23.41 -5.00
N GLU B 11 -27.48 22.53 -4.58
CA GLU B 11 -27.70 22.32 -3.15
C GLU B 11 -26.44 21.79 -2.50
N GLU B 12 -25.73 20.94 -3.22
CA GLU B 12 -24.56 20.30 -2.65
C GLU B 12 -23.38 21.26 -2.57
N LYS B 13 -23.40 22.32 -3.40
CA LYS B 13 -22.42 23.40 -3.28
C LYS B 13 -22.47 24.03 -1.90
N ILE B 14 -23.66 24.09 -1.34
CA ILE B 14 -23.83 24.70 -0.02
C ILE B 14 -23.54 23.72 1.08
N ARG B 15 -24.09 22.50 0.94
CA ARG B 15 -23.90 21.50 1.98
C ARG B 15 -22.44 21.09 2.08
N ASP B 16 -21.84 20.76 0.94
CA ASP B 16 -20.43 20.39 0.89
C ASP B 16 -19.62 21.62 0.54
N LYS B 17 -19.79 22.68 1.32
CA LYS B 17 -19.11 23.95 1.05
C LYS B 17 -17.59 23.81 0.91
N LEU B 18 -16.97 23.05 1.79
CA LEU B 18 -15.52 22.92 1.77
C LEU B 18 -15.05 22.09 0.58
N GLY B 19 -15.88 21.14 0.13
CA GLY B 19 -15.56 20.38 -1.06
C GLY B 19 -15.67 21.25 -2.30
N TYR B 20 -16.80 21.95 -2.45
CA TYR B 20 -16.98 22.91 -3.53
C TYR B 20 -15.86 23.95 -3.58
N GLU B 21 -15.49 24.50 -2.43
CA GLU B 21 -14.45 25.52 -2.42
C GLU B 21 -13.10 24.96 -2.84
N ALA B 22 -12.89 23.68 -2.54
CA ALA B 22 -11.68 22.98 -2.96
C ALA B 22 -11.65 22.87 -4.47
N ILE B 23 -12.79 22.49 -5.06
CA ILE B 23 -12.92 22.36 -6.52
C ILE B 23 -12.68 23.72 -7.17
N ARG B 24 -13.22 24.77 -6.55
CA ARG B 24 -13.04 26.11 -7.05
C ARG B 24 -11.57 26.54 -6.94
N ASP B 25 -10.90 26.17 -5.86
CA ASP B 25 -9.48 26.49 -5.72
C ASP B 25 -8.66 25.74 -6.77
N ILE B 26 -8.96 24.46 -6.98
CA ILE B 26 -8.29 23.70 -8.00
C ILE B 26 -8.47 24.35 -9.38
N HIS B 27 -9.71 24.73 -9.68
CA HIS B 27 -10.02 25.34 -10.96
C HIS B 27 -9.21 26.62 -11.17
N ARG B 28 -9.16 27.44 -10.13
CA ARG B 28 -8.43 28.70 -10.22
C ARG B 28 -6.96 28.45 -10.49
N ASP B 29 -6.42 27.40 -9.86
CA ASP B 29 -5.03 27.00 -10.06
C ASP B 29 -4.76 26.56 -11.50
N ASP B 31 -6.79 27.52 -14.19
CA ASP B 31 -7.22 28.62 -15.06
C ASP B 31 -6.13 29.69 -15.19
N ASP B 32 -5.09 29.39 -15.94
CA ASP B 32 -3.91 30.23 -15.97
C ASP B 32 -4.16 31.67 -16.45
N ASP B 33 -5.08 31.88 -17.39
CA ASP B 33 -5.35 33.24 -17.86
C ASP B 33 -6.51 33.92 -17.11
N HIS B 34 -7.00 33.26 -16.07
CA HIS B 34 -8.09 33.77 -15.23
C HIS B 34 -9.37 34.10 -15.99
N SER B 35 -9.62 33.37 -17.07
CA SER B 35 -10.80 33.65 -17.90
C SER B 35 -12.10 33.07 -17.34
N GLY B 36 -12.01 32.29 -16.26
CA GLY B 36 -13.18 31.60 -15.73
C GLY B 36 -13.48 30.24 -16.34
N SER B 37 -12.75 29.87 -17.38
CA SER B 37 -12.88 28.53 -17.98
C SER B 37 -11.51 27.93 -18.24
N ILE B 38 -11.41 26.60 -18.15
CA ILE B 38 -10.15 25.91 -18.45
C ILE B 38 -10.18 25.37 -19.87
N ASP B 39 -9.25 25.81 -20.70
CA ASP B 39 -9.21 25.36 -22.09
C ASP B 39 -8.21 24.22 -22.23
N ARG B 40 -8.15 23.62 -23.42
CA ARG B 40 -7.35 22.42 -23.63
C ARG B 40 -5.86 22.70 -23.47
N ASN B 41 -5.46 23.94 -23.73
CA ASN B 41 -4.06 24.32 -23.57
C ASN B 41 -3.75 24.38 -22.08
N GLU B 42 -4.70 24.89 -21.30
CA GLU B 42 -4.53 25.03 -19.87
C GLU B 42 -4.55 23.71 -19.13
N SER B 43 -5.45 22.82 -19.51
CA SER B 43 -5.57 21.56 -18.81
C SER B 43 -4.35 20.70 -19.08
N THR B 44 -3.95 20.57 -20.34
CA THR B 44 -2.73 19.81 -20.66
C THR B 44 -1.50 20.48 -20.04
N GLY B 45 -1.45 21.81 -20.06
CA GLY B 45 -0.33 22.53 -19.46
C GLY B 45 -0.21 22.17 -17.99
N PHE B 46 -1.33 22.14 -17.30
CA PHE B 46 -1.38 21.82 -15.88
C PHE B 46 -0.89 20.39 -15.61
N LYS B 48 1.17 18.74 -17.43
CA LYS B 48 2.59 18.68 -17.77
C LYS B 48 3.47 19.30 -16.70
N GLU B 49 3.11 20.49 -16.25
CA GLU B 49 3.93 21.21 -15.29
C GLU B 49 3.61 20.82 -13.85
N ASP B 50 2.40 21.15 -13.40
CA ASP B 50 2.01 20.91 -12.02
C ASP B 50 1.90 19.44 -11.61
N GLN B 52 3.41 16.98 -13.40
CA GLN B 52 4.60 16.34 -13.95
C GLN B 52 4.27 15.09 -14.75
N ARG B 54 4.02 12.87 -18.20
CA ARG B 54 4.66 12.71 -19.50
C ARG B 54 3.60 12.75 -20.59
N GLY B 55 4.01 13.14 -21.79
CA GLY B 55 3.13 13.28 -22.93
C GLY B 55 2.13 12.15 -23.14
N SER B 56 2.60 10.92 -23.07
CA SER B 56 1.74 9.77 -23.35
C SER B 56 0.59 9.63 -22.35
N GLU B 57 0.73 10.22 -21.16
CA GLU B 57 -0.32 10.12 -20.14
C GLU B 57 -1.43 11.18 -20.26
N ARG B 58 -1.18 12.22 -21.06
CA ARG B 58 -2.05 13.39 -21.02
C ARG B 58 -3.30 13.29 -21.89
N THR B 59 -3.24 12.55 -22.99
CA THR B 59 -4.30 12.64 -23.98
C THR B 59 -5.58 11.97 -23.51
N ARG B 60 -5.45 10.82 -22.86
CA ARG B 60 -6.61 10.15 -22.29
C ARG B 60 -7.30 11.03 -21.26
N ARG B 61 -6.49 11.71 -20.46
CA ARG B 61 -7.02 12.55 -19.41
C ARG B 61 -7.64 13.82 -19.98
N GLU B 62 -7.00 14.39 -20.99
CA GLU B 62 -7.57 15.55 -21.66
C GLU B 62 -8.97 15.23 -22.17
N ASN B 63 -9.12 14.09 -22.82
CA ASN B 63 -10.43 13.69 -23.34
C ASN B 63 -11.45 13.46 -22.22
N LYS B 64 -11.02 12.86 -21.12
CA LYS B 64 -11.94 12.69 -20.00
C LYS B 64 -12.36 14.04 -19.37
N PHE B 65 -11.42 14.96 -19.24
CA PHE B 65 -11.68 16.24 -18.57
C PHE B 65 -12.58 17.13 -19.42
N HIS B 66 -12.35 17.14 -20.73
CA HIS B 66 -13.08 18.02 -21.63
C HIS B 66 -14.27 17.37 -22.31
N GLY B 67 -14.09 16.17 -22.83
CA GLY B 67 -15.10 15.58 -23.70
C GLY B 67 -15.21 16.43 -24.96
N ASP B 68 -16.43 16.86 -25.28
CA ASP B 68 -16.69 17.80 -26.37
C ASP B 68 -16.71 19.24 -25.87
N ASP B 69 -16.34 19.46 -24.61
CA ASP B 69 -16.42 20.80 -24.02
C ASP B 69 -15.05 21.47 -23.94
N ASP B 70 -14.83 22.46 -24.79
CA ASP B 70 -13.49 23.05 -24.93
C ASP B 70 -13.17 24.06 -23.83
N ALA B 71 -14.14 24.34 -22.99
CA ALA B 71 -13.95 25.34 -21.95
C ALA B 71 -14.74 24.95 -20.69
N ILE B 72 -14.01 24.52 -19.67
CA ILE B 72 -14.59 23.95 -18.45
C ILE B 72 -14.68 25.01 -17.37
N THR B 73 -15.90 25.42 -17.02
CA THR B 73 -16.12 26.42 -15.97
C THR B 73 -16.04 25.74 -14.62
N VAL B 74 -15.97 26.53 -13.55
CA VAL B 74 -16.10 26.01 -12.21
C VAL B 74 -17.37 25.18 -12.03
N ASP B 75 -18.50 25.69 -12.51
CA ASP B 75 -19.74 24.94 -12.42
C ASP B 75 -19.67 23.60 -13.17
N ASP B 76 -19.02 23.61 -14.34
CA ASP B 76 -18.81 22.38 -15.13
C ASP B 76 -18.03 21.36 -14.32
N LEU B 77 -16.95 21.81 -13.72
CA LEU B 77 -16.07 20.96 -12.93
C LEU B 77 -16.76 20.44 -11.67
N TRP B 78 -17.53 21.32 -11.01
CA TRP B 78 -18.31 20.87 -9.89
C TRP B 78 -19.36 19.83 -10.32
N GLU B 79 -20.00 20.05 -11.45
CA GLU B 79 -21.03 19.12 -11.91
C GLU B 79 -20.42 17.76 -12.22
N ALA B 80 -19.26 17.77 -12.86
CA ALA B 80 -18.61 16.52 -13.22
C ALA B 80 -18.21 15.76 -11.95
N TRP B 81 -17.67 16.47 -10.97
CA TRP B 81 -17.24 15.84 -9.73
C TRP B 81 -18.46 15.34 -8.93
N PHE B 82 -19.49 16.18 -8.84
CA PHE B 82 -20.72 15.83 -8.13
C PHE B 82 -21.36 14.55 -8.69
N GLU B 83 -21.25 14.34 -9.99
CA GLU B 83 -21.85 13.15 -10.62
C GLU B 83 -20.95 11.92 -10.62
N SER B 84 -19.67 12.08 -10.26
CA SER B 84 -18.68 11.01 -10.42
C SER B 84 -18.89 9.80 -9.51
N ILE B 85 -18.44 8.63 -9.98
CA ILE B 85 -18.52 7.46 -9.15
C ILE B 85 -17.57 7.63 -7.95
N GLU B 86 -16.48 8.36 -8.15
CA GLU B 86 -15.48 8.43 -7.08
C GLU B 86 -16.00 9.26 -5.90
N ARG B 87 -16.91 10.20 -6.14
CA ARG B 87 -17.48 10.93 -5.01
C ARG B 87 -18.29 9.98 -4.11
N THR B 88 -18.73 8.85 -4.66
CA THR B 88 -19.53 7.90 -3.87
C THR B 88 -18.68 6.87 -3.11
N TRP B 89 -17.35 6.96 -3.24
CA TRP B 89 -16.48 6.00 -2.55
C TRP B 89 -16.74 5.97 -1.06
N THR B 90 -16.91 4.77 -0.52
CA THR B 90 -16.97 4.60 0.93
C THR B 90 -15.63 4.82 1.57
N ASN B 91 -15.63 4.95 2.90
CA ASN B 91 -14.40 4.99 3.68
C ASN B 91 -13.53 3.78 3.39
N GLU B 92 -14.15 2.61 3.28
CA GLU B 92 -13.44 1.39 2.94
C GLU B 92 -12.77 1.47 1.56
N ARG B 93 -13.49 1.97 0.56
CA ARG B 93 -12.94 2.08 -0.78
C ARG B 93 -11.79 3.09 -0.81
N LEU B 94 -11.93 4.17 -0.07
CA LEU B 94 -10.90 5.21 -0.02
C LEU B 94 -9.62 4.68 0.63
N VAL B 95 -9.76 3.92 1.72
CA VAL B 95 -8.62 3.29 2.37
C VAL B 95 -7.95 2.29 1.41
N GLU B 96 -8.76 1.53 0.68
CA GLU B 96 -8.21 0.60 -0.32
C GLU B 96 -7.31 1.33 -1.32
N TRP B 97 -7.79 2.48 -1.79
CA TRP B 97 -7.07 3.30 -2.76
C TRP B 97 -5.79 3.86 -2.14
N LEU B 98 -5.86 4.35 -0.91
CA LEU B 98 -4.68 4.88 -0.24
C LEU B 98 -3.59 3.82 -0.09
N ILE B 99 -4.00 2.57 0.08
CA ILE B 99 -3.05 1.48 0.27
C ILE B 99 -2.51 0.98 -1.06
N ASN B 100 -3.41 0.76 -2.02
CA ASN B 100 -3.02 0.11 -3.27
C ASN B 100 -2.50 1.05 -4.34
N ASP B 101 -2.89 2.32 -4.29
CA ASP B 101 -2.49 3.22 -5.35
C ASP B 101 -1.60 4.34 -4.86
N VAL B 102 -1.91 4.88 -3.70
CA VAL B 102 -1.16 6.04 -3.24
C VAL B 102 0.01 5.58 -2.38
N ASN B 103 -0.14 4.38 -1.81
CA ASN B 103 0.87 3.79 -0.93
C ASN B 103 1.18 4.66 0.27
N LEU B 104 0.13 5.08 0.99
CA LEU B 104 0.32 5.82 2.24
C LEU B 104 -0.38 5.15 3.41
N PRO B 105 0.14 3.99 3.85
CA PRO B 105 -0.54 3.30 4.95
C PRO B 105 -0.48 4.07 6.25
N SER B 106 0.45 5.02 6.39
CA SER B 106 0.58 5.77 7.64
C SER B 106 -0.62 6.66 7.94
N ILE B 107 -1.41 7.04 6.94
CA ILE B 107 -2.54 7.91 7.23
C ILE B 107 -3.85 7.16 7.38
N VAL B 108 -3.83 5.85 7.18
CA VAL B 108 -5.07 5.09 7.15
C VAL B 108 -5.84 5.16 8.47
N GLU B 109 -5.15 5.16 9.59
CA GLU B 109 -5.88 5.12 10.85
C GLU B 109 -6.56 6.47 11.12
N ALA B 110 -5.92 7.58 10.73
CA ALA B 110 -6.56 8.89 10.83
C ALA B 110 -7.79 8.94 9.92
N VAL B 111 -7.63 8.46 8.69
CA VAL B 111 -8.74 8.43 7.72
C VAL B 111 -9.93 7.60 8.22
N LYS B 112 -9.67 6.45 8.82
CA LYS B 112 -10.74 5.59 9.34
C LYS B 112 -11.42 6.22 10.56
N ALA B 113 -10.63 6.86 11.42
CA ALA B 113 -11.15 7.51 12.62
C ALA B 113 -12.05 8.68 12.26
N LYS B 114 -11.65 9.46 11.26
CA LYS B 114 -12.43 10.60 10.82
C LYS B 114 -13.62 10.23 9.93
N LYS B 115 -13.71 8.97 9.56
CA LYS B 115 -14.83 8.45 8.77
C LYS B 115 -15.06 9.19 7.47
N ILE B 116 -14.00 9.72 6.87
CA ILE B 116 -14.20 10.49 5.65
C ILE B 116 -14.35 9.52 4.47
N ASP B 117 -14.88 10.03 3.37
CA ASP B 117 -15.16 9.19 2.23
C ASP B 117 -14.82 9.94 0.95
N GLY B 118 -15.35 9.45 -0.17
CA GLY B 118 -15.03 10.01 -1.48
C GLY B 118 -15.25 11.51 -1.56
N LYS B 119 -16.15 12.02 -0.74
CA LYS B 119 -16.45 13.45 -0.78
C LYS B 119 -15.23 14.27 -0.39
N ILE B 120 -14.27 13.65 0.30
CA ILE B 120 -13.09 14.40 0.75
C ILE B 120 -12.06 14.65 -0.36
N LEU B 121 -12.15 13.93 -1.47
CA LEU B 121 -11.04 13.93 -2.43
C LEU B 121 -10.64 15.33 -2.95
N PRO B 122 -11.61 16.23 -3.23
CA PRO B 122 -11.18 17.58 -3.62
C PRO B 122 -10.33 18.26 -2.55
N ARG B 123 -10.67 18.06 -1.29
CA ARG B 123 -9.93 18.70 -0.22
C ARG B 123 -8.51 18.12 -0.13
N PHE B 124 -8.38 16.83 -0.45
CA PHE B 124 -7.07 16.19 -0.57
C PHE B 124 -6.28 16.84 -1.68
N ALA B 125 -6.99 17.14 -2.77
CA ALA B 125 -6.34 17.59 -3.99
C ALA B 125 -6.06 19.09 -4.02
N SER B 126 -6.55 19.82 -3.01
CA SER B 126 -6.51 21.29 -3.09
C SER B 126 -5.10 21.86 -2.98
N PRO B 127 -4.80 22.91 -3.77
CA PRO B 127 -3.51 23.61 -3.72
C PRO B 127 -3.30 24.39 -2.42
N ASN B 128 -4.38 24.58 -1.68
CA ASN B 128 -4.30 25.02 -0.29
C ASN B 128 -3.97 23.81 0.60
N SER B 129 -2.75 23.76 1.13
CA SER B 129 -2.23 22.52 1.75
C SER B 129 -2.68 22.25 3.20
N ASP B 130 -3.45 23.16 3.80
CA ASP B 130 -3.67 23.10 5.24
C ASP B 130 -4.55 21.96 5.73
N PHE B 131 -5.43 21.44 4.87
CA PHE B 131 -6.25 20.32 5.31
C PHE B 131 -5.42 19.06 5.59
N LEU B 132 -4.52 18.71 4.67
CA LEU B 132 -3.71 17.51 4.83
C LEU B 132 -2.75 17.68 6.00
N ASN B 133 -2.21 18.88 6.14
CA ASN B 133 -1.27 19.18 7.22
C ASN B 133 -1.97 19.27 8.56
N LYS B 134 -2.90 20.20 8.68
CA LYS B 134 -3.56 20.49 9.95
C LYS B 134 -4.55 19.40 10.41
N GLU B 135 -5.45 18.98 9.53
CA GLU B 135 -6.58 18.14 9.92
C GLU B 135 -6.26 16.64 9.96
N LEU B 136 -5.42 16.18 9.04
CA LEU B 136 -5.07 14.77 8.97
C LEU B 136 -3.75 14.50 9.66
N GLY B 137 -3.01 15.57 9.89
CA GLY B 137 -1.72 15.47 10.55
C GLY B 137 -0.63 14.83 9.70
N ILE B 138 -0.67 15.08 8.40
CA ILE B 138 0.42 14.58 7.57
C ILE B 138 1.56 15.58 7.65
N LYS B 139 2.56 15.24 8.47
CA LYS B 139 3.73 16.08 8.71
C LYS B 139 4.65 16.13 7.49
N SER B 140 4.75 15.01 6.78
CA SER B 140 5.65 14.91 5.65
C SER B 140 5.17 15.67 4.42
N SER B 141 5.99 16.61 3.98
CA SER B 141 5.74 17.32 2.74
C SER B 141 5.68 16.37 1.53
N VAL B 142 6.56 15.36 1.54
CA VAL B 142 6.60 14.37 0.47
C VAL B 142 5.29 13.58 0.38
N TYR B 143 4.77 13.21 1.54
CA TYR B 143 3.50 12.50 1.61
C TYR B 143 2.35 13.42 1.15
N ARG B 144 2.32 14.64 1.65
CA ARG B 144 1.29 15.59 1.26
C ARG B 144 1.27 15.76 -0.26
N GLN B 145 2.46 15.98 -0.83
CA GLN B 145 2.60 16.11 -2.28
C GLN B 145 2.06 14.91 -3.05
N LYS B 146 2.44 13.71 -2.62
CA LYS B 146 1.98 12.51 -3.31
C LYS B 146 0.47 12.30 -3.21
N LEU B 147 -0.12 12.60 -2.06
CA LEU B 147 -1.55 12.41 -1.89
C LEU B 147 -2.31 13.45 -2.72
N ARG B 148 -1.83 14.69 -2.70
CA ARG B 148 -2.44 15.77 -3.46
C ARG B 148 -2.51 15.45 -4.95
N LEU B 149 -1.39 15.03 -5.53
CA LEU B 149 -1.33 14.68 -6.95
C LEU B 149 -2.19 13.48 -7.32
N ASN B 150 -2.14 12.43 -6.52
CA ASN B 150 -3.00 11.27 -6.80
C ASN B 150 -4.46 11.63 -6.71
N SER B 151 -4.80 12.47 -5.74
CA SER B 151 -6.19 12.91 -5.55
C SER B 151 -6.64 13.79 -6.70
N LEU B 152 -5.79 14.73 -7.10
CA LEU B 152 -6.03 15.55 -8.31
C LEU B 152 -6.37 14.70 -9.54
N ASP B 153 -5.58 13.65 -9.75
CA ASP B 153 -5.76 12.75 -10.88
C ASP B 153 -7.15 12.13 -10.83
N VAL B 154 -7.56 11.67 -9.65
CA VAL B 154 -8.86 11.04 -9.52
C VAL B 154 -10.02 12.05 -9.62
N VAL B 155 -9.89 13.18 -8.95
CA VAL B 155 -10.89 14.24 -8.98
C VAL B 155 -11.07 14.80 -10.40
N LEU B 156 -9.97 15.09 -11.09
CA LEU B 156 -10.07 15.67 -12.43
C LEU B 156 -10.39 14.68 -13.53
N PHE B 157 -9.83 13.47 -13.45
CA PHE B 157 -9.89 12.54 -14.57
C PHE B 157 -10.50 11.17 -14.26
N GLY B 158 -10.96 10.98 -13.03
CA GLY B 158 -11.55 9.71 -12.65
C GLY B 158 -10.49 8.68 -12.30
N TYR B 159 -10.91 7.61 -11.64
CA TYR B 159 -9.99 6.54 -11.29
C TYR B 159 -9.88 5.51 -12.40
N LYS B 160 -8.66 5.13 -12.74
CA LYS B 160 -8.47 4.05 -13.69
C LYS B 160 -7.16 3.34 -13.41
N ASP B 161 -7.24 2.23 -12.65
CA ASP B 161 -6.22 1.19 -12.57
C ASP B 161 -6.58 0.20 -11.47
#